data_7LC9
#
_entry.id   7LC9
#
_cell.length_a   1.00
_cell.length_b   1.00
_cell.length_c   1.00
_cell.angle_alpha   90.00
_cell.angle_beta   90.00
_cell.angle_gamma   90.00
#
_symmetry.space_group_name_H-M   'P 1'
#
_entity_poly.entity_id   1
_entity_poly.type   'polypeptide(L)'
_entity_poly.pdbx_seq_one_letter_code
;GSKTKEGVVHGVATVAEKTKEQVTNVGGAVVTGVTAVAQKTVEGAGSIAAATGFVKKDQLGKNEEGAPQEGILEDMPVDP
DNEAYEMPSEEGYQDYEPEA
;
_entity_poly.pdbx_strand_id   F,A,H,B,I,C,J,D,K,E,L,G
#
# COMPACT_ATOMS: atom_id res chain seq x y z
N GLU A 21 7.22 -26.18 5.63
CA GLU A 21 6.98 -26.32 7.06
C GLU A 21 7.49 -25.09 7.81
N GLN A 22 6.58 -24.16 8.09
CA GLN A 22 6.92 -22.90 8.74
C GLN A 22 6.49 -22.92 10.19
N VAL A 23 7.31 -22.35 11.06
CA VAL A 23 7.05 -22.30 12.49
C VAL A 23 7.23 -20.89 13.00
N THR A 24 6.50 -20.57 14.07
CA THR A 24 6.56 -19.25 14.70
C THR A 24 7.10 -19.40 16.12
N ASN A 25 8.18 -18.68 16.42
CA ASN A 25 8.81 -18.71 17.74
C ASN A 25 8.98 -17.27 18.23
N VAL A 26 8.18 -16.89 19.23
CA VAL A 26 8.26 -15.57 19.83
C VAL A 26 8.88 -15.74 21.22
N GLY A 27 10.08 -15.19 21.41
CA GLY A 27 10.75 -15.37 22.68
C GLY A 27 10.28 -14.42 23.76
N GLY A 28 10.44 -13.11 23.55
CA GLY A 28 10.13 -12.16 24.59
C GLY A 28 8.69 -11.70 24.61
N ALA A 29 8.23 -11.09 23.52
CA ALA A 29 6.83 -10.69 23.36
C ALA A 29 6.37 -9.78 24.50
N VAL A 30 6.97 -8.60 24.61
CA VAL A 30 6.65 -7.65 25.67
C VAL A 30 6.32 -6.30 25.03
N VAL A 31 5.08 -5.85 25.20
CA VAL A 31 4.62 -4.54 24.74
C VAL A 31 3.94 -3.85 25.92
N THR A 32 4.52 -2.73 26.37
CA THR A 32 4.08 -2.15 27.63
C THR A 32 2.79 -1.34 27.47
N GLY A 33 2.85 -0.27 26.66
CA GLY A 33 1.68 0.55 26.46
C GLY A 33 1.44 0.82 25.00
N VAL A 34 0.36 0.26 24.45
CA VAL A 34 0.10 0.30 23.01
C VAL A 34 -1.35 0.67 22.77
N THR A 35 -1.62 1.20 21.59
CA THR A 35 -2.96 1.43 21.10
C THR A 35 -2.97 1.28 19.59
N ALA A 36 -3.65 0.24 19.10
CA ALA A 36 -3.61 -0.08 17.69
C ALA A 36 -5.02 -0.31 17.18
N VAL A 37 -5.26 0.07 15.93
CA VAL A 37 -6.57 -0.07 15.30
C VAL A 37 -6.37 -0.37 13.83
N ALA A 38 -7.35 -1.05 13.24
CA ALA A 38 -7.36 -1.30 11.80
C ALA A 38 -8.80 -1.26 11.31
N GLN A 39 -8.96 -0.97 10.02
CA GLN A 39 -10.29 -0.90 9.43
C GLN A 39 -10.18 -1.10 7.93
N LYS A 40 -11.25 -1.65 7.36
CA LYS A 40 -11.41 -1.74 5.91
C LYS A 40 -12.75 -1.13 5.54
N THR A 41 -12.77 -0.30 4.50
CA THR A 41 -13.99 0.35 4.04
C THR A 41 -14.19 0.06 2.56
N VAL A 42 -15.36 -0.44 2.22
CA VAL A 42 -15.75 -0.68 0.83
C VAL A 42 -16.99 0.16 0.53
N GLU A 43 -16.88 1.08 -0.42
CA GLU A 43 -17.99 1.93 -0.84
C GLU A 43 -18.56 2.72 0.33
N GLY A 44 -17.72 3.60 0.87
CA GLY A 44 -18.15 4.48 1.92
C GLY A 44 -17.10 5.48 2.36
N ALA A 45 -17.03 5.74 3.66
CA ALA A 45 -16.01 6.63 4.20
C ALA A 45 -15.76 6.25 5.65
N GLY A 46 -14.49 6.29 6.05
CA GLY A 46 -14.14 6.00 7.42
C GLY A 46 -12.86 6.67 7.84
N SER A 47 -12.92 7.47 8.91
CA SER A 47 -11.75 8.20 9.40
C SER A 47 -11.69 8.04 10.91
N ILE A 48 -10.49 7.76 11.42
CA ILE A 48 -10.25 7.60 12.85
C ILE A 48 -9.04 8.43 13.23
N ALA A 49 -8.96 8.78 14.50
CA ALA A 49 -7.77 9.47 15.03
C ALA A 49 -7.52 8.90 16.42
N ALA A 50 -6.28 8.49 16.67
CA ALA A 50 -5.93 7.86 17.94
C ALA A 50 -4.60 8.44 18.42
N ALA A 51 -4.37 8.34 19.71
CA ALA A 51 -3.13 8.84 20.29
C ALA A 51 -2.91 8.20 21.64
N THR A 52 -1.65 8.08 22.02
CA THR A 52 -1.27 7.49 23.30
C THR A 52 -0.28 8.39 24.02
N GLY A 53 -0.36 8.37 25.35
CA GLY A 53 0.62 9.03 26.18
C GLY A 53 1.02 8.15 27.33
N PHE A 54 2.30 7.79 27.39
CA PHE A 54 2.82 6.92 28.43
C PHE A 54 3.95 7.62 29.14
N VAL A 55 3.98 7.51 30.47
CA VAL A 55 4.99 8.17 31.29
C VAL A 55 5.60 7.14 32.23
N LYS A 56 6.82 6.69 31.89
CA LYS A 56 7.56 5.72 32.69
C LYS A 56 8.62 6.49 33.46
N LYS A 57 8.22 7.06 34.60
CA LYS A 57 9.14 7.91 35.36
C LYS A 57 10.30 7.11 35.93
N ASP A 58 10.00 6.11 36.76
CA ASP A 58 11.02 5.31 37.43
C ASP A 58 11.96 6.20 38.24
N GLU B 6 -19.47 -18.65 -20.70
CA GLU B 6 -19.72 -17.24 -20.99
C GLU B 6 -19.00 -16.36 -19.96
N GLY B 7 -18.61 -16.97 -18.85
CA GLY B 7 -17.88 -16.24 -17.83
C GLY B 7 -18.67 -15.09 -17.26
N VAL B 8 -18.08 -13.90 -17.30
CA VAL B 8 -18.71 -12.69 -16.81
C VAL B 8 -18.56 -11.60 -17.86
N VAL B 9 -19.64 -10.88 -18.13
CA VAL B 9 -19.63 -9.89 -19.21
C VAL B 9 -19.05 -8.58 -18.70
N HIS B 10 -19.69 -7.98 -17.70
CA HIS B 10 -19.20 -6.74 -17.13
C HIS B 10 -18.64 -6.90 -15.73
N GLY B 11 -19.21 -7.81 -14.94
CA GLY B 11 -18.71 -8.05 -13.61
C GLY B 11 -17.29 -8.60 -13.64
N VAL B 12 -16.72 -8.77 -12.45
CA VAL B 12 -15.36 -9.28 -12.35
C VAL B 12 -15.38 -10.71 -11.82
N ALA B 13 -14.28 -11.43 -12.04
CA ALA B 13 -14.17 -12.83 -11.69
C ALA B 13 -13.03 -13.02 -10.70
N THR B 14 -13.29 -13.69 -9.60
CA THR B 14 -12.24 -13.95 -8.63
C THR B 14 -12.48 -15.27 -7.91
N VAL B 15 -11.43 -16.08 -7.88
CA VAL B 15 -11.40 -17.39 -7.25
C VAL B 15 -10.24 -17.42 -6.27
N ALA B 16 -10.46 -18.01 -5.10
CA ALA B 16 -9.42 -18.11 -4.09
C ALA B 16 -9.62 -19.36 -3.26
N GLU B 17 -8.53 -20.08 -3.00
CA GLU B 17 -8.54 -21.27 -2.15
C GLU B 17 -7.62 -21.03 -0.96
N LYS B 18 -8.09 -21.42 0.23
CA LYS B 18 -7.32 -21.28 1.46
C LYS B 18 -6.89 -22.67 1.92
N THR B 19 -5.64 -23.03 1.66
CA THR B 19 -5.14 -24.33 2.12
C THR B 19 -4.77 -24.26 3.60
N LYS B 20 -3.81 -23.41 3.95
CA LYS B 20 -3.36 -23.26 5.33
C LYS B 20 -2.92 -21.82 5.57
N GLU B 21 -3.55 -21.16 6.53
CA GLU B 21 -3.12 -19.83 6.96
C GLU B 21 -3.29 -19.71 8.46
N GLN B 22 -2.33 -19.06 9.10
CA GLN B 22 -2.31 -18.90 10.56
C GLN B 22 -2.28 -17.43 10.90
N VAL B 23 -3.20 -16.99 11.76
CA VAL B 23 -3.23 -15.65 12.29
C VAL B 23 -3.18 -15.75 13.82
N THR B 24 -2.23 -15.03 14.42
CA THR B 24 -2.18 -14.87 15.87
C THR B 24 -2.04 -13.39 16.17
N ASN B 25 -2.85 -12.89 17.10
CA ASN B 25 -2.89 -11.48 17.46
C ASN B 25 -3.10 -11.40 18.96
N VAL B 26 -2.14 -10.81 19.68
CA VAL B 26 -2.21 -10.77 21.12
C VAL B 26 -2.44 -9.35 21.63
N GLY B 27 -1.75 -8.37 21.04
CA GLY B 27 -1.85 -7.00 21.50
C GLY B 27 -2.21 -6.01 20.41
N GLY B 28 -3.11 -6.40 19.51
CA GLY B 28 -3.52 -5.49 18.46
C GLY B 28 -4.88 -5.87 17.91
N ALA B 29 -5.11 -5.49 16.65
CA ALA B 29 -6.37 -5.78 15.99
C ALA B 29 -6.09 -6.37 14.61
N VAL B 30 -6.93 -7.34 14.23
CA VAL B 30 -6.83 -7.98 12.93
C VAL B 30 -8.21 -7.97 12.29
N VAL B 31 -8.23 -7.78 10.96
CA VAL B 31 -9.46 -7.91 10.17
C VAL B 31 -9.11 -8.60 8.86
N THR B 32 -9.87 -9.63 8.53
CA THR B 32 -9.62 -10.45 7.35
C THR B 32 -10.91 -10.56 6.55
N GLY B 33 -10.78 -10.62 5.23
CA GLY B 33 -11.96 -10.71 4.38
C GLY B 33 -11.72 -11.36 3.03
N VAL B 34 -12.77 -11.92 2.45
CA VAL B 34 -12.69 -12.54 1.13
C VAL B 34 -13.72 -11.92 0.20
N THR B 35 -13.25 -11.18 -0.80
CA THR B 35 -14.08 -10.69 -1.90
C THR B 35 -15.21 -9.78 -1.43
N ALA B 36 -14.86 -8.59 -0.91
CA ALA B 36 -15.84 -7.54 -0.71
C ALA B 36 -16.11 -6.82 -2.02
N VAL B 37 -17.37 -6.45 -2.23
CA VAL B 37 -17.82 -5.98 -3.54
C VAL B 37 -18.42 -4.59 -3.45
N ALA B 38 -18.01 -3.72 -4.37
CA ALA B 38 -18.63 -2.42 -4.58
C ALA B 38 -18.86 -2.25 -6.08
N GLN B 39 -20.12 -2.17 -6.49
CA GLN B 39 -20.44 -2.16 -7.91
C GLN B 39 -21.65 -1.28 -8.19
N LYS B 40 -21.61 -0.59 -9.32
CA LYS B 40 -22.77 0.08 -9.89
C LYS B 40 -22.69 -0.05 -11.40
N THR B 41 -23.77 -0.49 -12.03
CA THR B 41 -23.76 -0.76 -13.46
C THR B 41 -25.12 -0.46 -14.06
N VAL B 42 -25.09 0.20 -15.22
CA VAL B 42 -26.26 0.53 -15.99
C VAL B 42 -25.98 0.02 -17.37
N GLU B 43 -26.99 -0.54 -18.03
CA GLU B 43 -26.82 -1.07 -19.38
C GLU B 43 -27.53 -0.27 -20.48
N GLY B 44 -28.84 -0.12 -20.42
CA GLY B 44 -29.50 0.66 -21.46
C GLY B 44 -29.56 2.14 -21.16
N ALA B 45 -30.79 2.67 -21.07
CA ALA B 45 -30.97 4.09 -20.78
C ALA B 45 -31.13 4.29 -19.28
N GLY B 46 -30.18 5.00 -18.69
CA GLY B 46 -30.18 5.20 -17.25
C GLY B 46 -28.97 5.99 -16.84
N SER B 47 -28.84 6.23 -15.55
CA SER B 47 -27.71 6.96 -15.06
C SER B 47 -27.52 6.63 -13.60
N ILE B 48 -26.34 6.95 -13.11
CA ILE B 48 -25.96 6.73 -11.72
C ILE B 48 -25.12 7.92 -11.30
N ALA B 49 -25.57 8.65 -10.27
CA ALA B 49 -24.79 9.72 -9.67
C ALA B 49 -24.50 9.34 -8.23
N ALA B 50 -23.22 9.31 -7.88
CA ALA B 50 -22.82 8.83 -6.57
C ALA B 50 -21.64 9.64 -6.06
N ALA B 51 -21.84 10.31 -4.92
CA ALA B 51 -20.76 11.03 -4.25
C ALA B 51 -20.52 10.32 -2.92
N THR B 52 -19.33 9.73 -2.78
CA THR B 52 -18.99 8.92 -1.62
C THR B 52 -17.68 9.41 -1.03
N GLY B 53 -17.63 9.51 0.30
CA GLY B 53 -16.41 9.93 0.97
C GLY B 53 -16.65 11.05 1.95
N PHE B 54 -15.89 12.13 1.81
CA PHE B 54 -16.12 13.35 2.57
C PHE B 54 -16.76 14.38 1.63
N VAL B 55 -17.98 14.80 1.96
CA VAL B 55 -18.72 15.72 1.12
C VAL B 55 -18.85 17.11 1.72
N LYS B 56 -19.15 17.21 3.02
CA LYS B 56 -19.37 18.50 3.69
C LYS B 56 -20.43 19.33 2.97
N GLU C 21 11.32 -24.59 4.34
CA GLU C 21 11.26 -24.61 5.79
C GLU C 21 11.71 -23.27 6.36
N GLN C 22 10.74 -22.38 6.60
CA GLN C 22 11.01 -21.04 7.09
C GLN C 22 10.66 -20.93 8.56
N VAL C 23 11.48 -20.22 9.32
CA VAL C 23 11.30 -20.10 10.76
C VAL C 23 11.59 -18.67 11.19
N THR C 24 10.81 -18.18 12.15
CA THR C 24 10.99 -16.85 12.74
C THR C 24 11.33 -17.02 14.22
N ASN C 25 12.43 -16.39 14.64
CA ASN C 25 12.87 -16.43 16.03
C ASN C 25 13.03 -14.99 16.52
N VAL C 26 12.13 -14.55 17.39
CA VAL C 26 12.18 -13.21 17.97
C VAL C 26 12.73 -13.33 19.37
N GLY C 27 13.94 -12.80 19.60
CA GLY C 27 14.55 -12.94 20.90
C GLY C 27 13.95 -12.04 21.96
N GLY C 28 14.09 -10.72 21.80
CA GLY C 28 13.68 -9.80 22.84
C GLY C 28 12.27 -9.27 22.71
N ALA C 29 11.95 -8.69 21.56
CA ALA C 29 10.59 -8.19 21.27
C ALA C 29 10.09 -7.24 22.34
N VAL C 30 10.76 -6.10 22.49
CA VAL C 30 10.40 -5.10 23.50
C VAL C 30 10.14 -3.78 22.79
N VAL C 31 8.89 -3.35 22.78
CA VAL C 31 8.47 -2.06 22.26
C VAL C 31 7.66 -1.36 23.34
N THR C 32 8.22 -0.31 23.93
CA THR C 32 7.70 0.18 25.20
C THR C 32 6.40 0.95 25.01
N GLY C 33 6.46 2.08 24.30
CA GLY C 33 5.27 2.88 24.10
C GLY C 33 5.02 3.15 22.64
N VAL C 34 4.02 2.49 22.07
CA VAL C 34 3.77 2.54 20.64
C VAL C 34 2.29 2.82 20.39
N THR C 35 2.01 3.33 19.21
CA THR C 35 0.65 3.33 18.65
C THR C 35 0.77 3.08 17.16
N ALA C 36 -0.19 2.34 16.62
CA ALA C 36 -0.11 1.94 15.22
C ALA C 36 -1.52 1.86 14.66
N VAL C 37 -1.65 2.23 13.40
CA VAL C 37 -2.94 2.23 12.71
C VAL C 37 -2.72 1.85 11.26
N ALA C 38 -3.54 0.93 10.76
CA ALA C 38 -3.53 0.56 9.37
C ALA C 38 -4.97 0.52 8.86
N GLN C 39 -5.14 0.83 7.58
CA GLN C 39 -6.46 0.80 6.98
C GLN C 39 -6.34 0.50 5.51
N LYS C 40 -7.40 -0.08 4.95
CA LYS C 40 -7.54 -0.21 3.51
C LYS C 40 -8.90 0.36 3.12
N THR C 41 -8.91 1.16 2.06
CA THR C 41 -10.14 1.76 1.57
C THR C 41 -10.28 1.47 0.08
N VAL C 42 -11.42 0.90 -0.31
CA VAL C 42 -11.76 0.71 -1.71
C VAL C 42 -13.00 1.53 -2.01
N GLU C 43 -12.87 2.47 -2.95
CA GLU C 43 -13.97 3.32 -3.40
C GLU C 43 -14.56 4.11 -2.22
N GLY C 44 -13.73 5.00 -1.68
CA GLY C 44 -14.20 5.89 -0.64
C GLY C 44 -13.20 6.94 -0.21
N ALA C 45 -13.18 7.23 1.09
CA ALA C 45 -12.22 8.18 1.63
C ALA C 45 -11.91 7.78 3.07
N GLY C 46 -10.66 7.97 3.48
CA GLY C 46 -10.28 7.68 4.84
C GLY C 46 -9.04 8.42 5.28
N SER C 47 -9.13 9.16 6.39
CA SER C 47 -8.02 9.94 6.89
C SER C 47 -7.77 9.57 8.35
N ILE C 48 -6.51 9.36 8.70
CA ILE C 48 -6.11 8.97 10.05
C ILE C 48 -5.11 9.98 10.57
N ALA C 49 -5.12 10.19 11.89
CA ALA C 49 -4.21 11.15 12.51
C ALA C 49 -3.82 10.59 13.87
N ALA C 50 -2.54 10.28 14.02
CA ALA C 50 -2.06 9.62 15.23
C ALA C 50 -0.94 10.44 15.84
N ALA C 51 -0.68 10.21 17.13
CA ALA C 51 0.40 10.91 17.81
C ALA C 51 0.74 10.16 19.10
N THR C 52 2.00 10.24 19.48
CA THR C 52 2.48 9.64 20.72
C THR C 52 3.23 10.66 21.56
N GLY C 53 3.12 10.50 22.87
CA GLY C 53 3.91 11.27 23.81
C GLY C 53 4.50 10.37 24.87
N PHE C 54 5.82 10.29 24.94
CA PHE C 54 6.51 9.41 25.87
C PHE C 54 7.54 10.19 26.64
N VAL C 55 7.61 9.95 27.95
CA VAL C 55 8.60 10.56 28.82
C VAL C 55 9.13 9.49 29.76
N LYS C 56 10.41 9.17 29.64
CA LYS C 56 11.07 8.17 30.47
C LYS C 56 12.17 8.88 31.23
N LYS C 57 11.81 9.44 32.39
CA LYS C 57 12.74 10.31 33.12
C LYS C 57 13.91 9.53 33.69
N ASP C 58 13.62 8.58 34.58
CA ASP C 58 14.64 7.80 35.27
C ASP C 58 15.63 8.72 35.99
N GLU D 6 -15.24 -17.85 -22.82
CA GLU D 6 -15.48 -16.44 -23.12
C GLU D 6 -14.76 -15.55 -22.11
N GLY D 7 -14.34 -16.16 -21.00
CA GLY D 7 -13.59 -15.42 -20.00
C GLY D 7 -14.37 -14.24 -19.46
N VAL D 8 -13.72 -13.07 -19.45
CA VAL D 8 -14.33 -11.84 -18.97
C VAL D 8 -14.26 -10.83 -20.11
N VAL D 9 -15.31 -10.02 -20.26
CA VAL D 9 -15.37 -9.08 -21.37
C VAL D 9 -14.87 -7.71 -20.92
N HIS D 10 -15.56 -7.11 -19.96
CA HIS D 10 -15.15 -5.80 -19.46
C HIS D 10 -14.58 -5.86 -18.06
N GLY D 11 -15.06 -6.78 -17.22
CA GLY D 11 -14.54 -6.91 -15.88
C GLY D 11 -13.11 -7.41 -15.88
N VAL D 12 -12.61 -7.72 -14.68
CA VAL D 12 -11.25 -8.22 -14.57
C VAL D 12 -11.25 -9.62 -13.98
N ALA D 13 -10.13 -10.32 -14.15
CA ALA D 13 -10.01 -11.71 -13.74
C ALA D 13 -8.90 -11.85 -12.71
N THR D 14 -9.23 -12.51 -11.61
CA THR D 14 -8.28 -12.68 -10.53
C THR D 14 -8.39 -14.06 -9.90
N VAL D 15 -7.25 -14.76 -9.85
CA VAL D 15 -7.14 -16.08 -9.24
C VAL D 15 -6.00 -16.04 -8.24
N ALA D 16 -6.23 -16.61 -7.07
CA ALA D 16 -5.22 -16.64 -6.01
C ALA D 16 -5.37 -17.93 -5.22
N GLU D 17 -4.25 -18.58 -4.93
CA GLU D 17 -4.24 -19.77 -4.09
C GLU D 17 -3.41 -19.50 -2.85
N LYS D 18 -3.94 -19.85 -1.69
CA LYS D 18 -3.26 -19.66 -0.42
C LYS D 18 -2.83 -21.04 0.10
N THR D 19 -1.59 -21.41 -0.18
CA THR D 19 -1.08 -22.70 0.30
C THR D 19 -0.70 -22.61 1.76
N LYS D 20 0.29 -21.77 2.07
CA LYS D 20 0.77 -21.61 3.45
C LYS D 20 1.18 -20.16 3.66
N GLU D 21 0.52 -19.48 4.58
CA GLU D 21 0.91 -18.14 5.00
C GLU D 21 0.68 -17.99 6.49
N GLN D 22 1.59 -17.33 7.17
CA GLN D 22 1.48 -17.10 8.61
C GLN D 22 1.64 -15.61 8.88
N VAL D 23 0.65 -15.02 9.54
CA VAL D 23 0.74 -13.67 10.07
C VAL D 23 0.70 -13.77 11.58
N THR D 24 1.80 -13.35 12.21
CA THR D 24 1.89 -13.25 13.66
C THR D 24 2.06 -11.78 14.01
N ASN D 25 1.09 -11.23 14.73
CA ASN D 25 1.01 -9.81 15.03
C ASN D 25 0.80 -9.66 16.52
N VAL D 26 1.81 -9.18 17.23
CA VAL D 26 1.76 -9.18 18.68
C VAL D 26 1.60 -7.77 19.22
N GLY D 27 2.36 -6.82 18.69
CA GLY D 27 2.32 -5.47 19.22
C GLY D 27 1.86 -4.40 18.25
N GLY D 28 0.86 -4.71 17.45
CA GLY D 28 0.37 -3.75 16.47
C GLY D 28 -0.92 -4.23 15.83
N ALA D 29 -1.33 -3.51 14.79
CA ALA D 29 -2.57 -3.83 14.11
C ALA D 29 -2.28 -4.31 12.70
N VAL D 30 -3.05 -5.29 12.24
CA VAL D 30 -2.89 -5.85 10.90
C VAL D 30 -4.24 -5.92 10.23
N VAL D 31 -4.28 -5.64 8.93
CA VAL D 31 -5.49 -5.75 8.12
C VAL D 31 -5.12 -6.41 6.80
N THR D 32 -5.91 -7.39 6.40
CA THR D 32 -5.66 -8.06 5.12
C THR D 32 -6.97 -8.59 4.57
N GLY D 33 -6.96 -8.90 3.27
CA GLY D 33 -8.15 -9.42 2.62
C GLY D 33 -7.92 -9.98 1.24
N VAL D 34 -8.90 -10.71 0.72
CA VAL D 34 -8.79 -11.32 -0.60
C VAL D 34 -9.69 -10.62 -1.60
N THR D 35 -9.12 -9.68 -2.37
CA THR D 35 -9.76 -9.13 -3.55
C THR D 35 -11.09 -8.42 -3.28
N ALA D 36 -11.04 -7.26 -2.63
CA ALA D 36 -12.17 -6.36 -2.62
C ALA D 36 -12.20 -5.59 -3.95
N VAL D 37 -13.41 -5.33 -4.46
CA VAL D 37 -13.56 -4.80 -5.81
C VAL D 37 -14.41 -3.54 -5.80
N ALA D 38 -14.09 -2.64 -6.74
CA ALA D 38 -14.85 -1.42 -6.98
C ALA D 38 -15.09 -1.30 -8.47
N GLN D 39 -16.35 -1.16 -8.87
CA GLN D 39 -16.70 -1.17 -10.29
C GLN D 39 -17.84 -0.20 -10.58
N LYS D 40 -17.71 0.53 -11.70
CA LYS D 40 -18.80 1.30 -12.26
C LYS D 40 -18.72 1.18 -13.78
N THR D 41 -19.77 0.65 -14.40
CA THR D 41 -19.75 0.41 -15.83
C THR D 41 -21.09 0.75 -16.46
N VAL D 42 -21.06 1.10 -17.75
CA VAL D 42 -22.26 1.34 -18.54
C VAL D 42 -22.10 0.66 -19.90
N GLU D 43 -23.22 0.32 -20.53
CA GLU D 43 -23.21 -0.31 -21.85
C GLU D 43 -23.57 0.68 -22.96
N GLY D 44 -24.77 1.23 -22.92
CA GLY D 44 -25.26 2.05 -24.02
C GLY D 44 -25.41 3.51 -23.67
N ALA D 45 -26.62 4.03 -23.84
CA ALA D 45 -26.88 5.44 -23.53
C ALA D 45 -27.05 5.61 -22.03
N GLY D 46 -25.95 5.90 -21.35
CA GLY D 46 -25.98 5.99 -19.90
C GLY D 46 -24.91 6.96 -19.43
N SER D 47 -24.90 7.17 -18.12
CA SER D 47 -23.99 8.15 -17.54
C SER D 47 -23.69 7.77 -16.11
N ILE D 48 -22.44 7.98 -15.69
CA ILE D 48 -22.03 7.80 -14.31
C ILE D 48 -21.23 9.03 -13.92
N ALA D 49 -21.66 9.72 -12.87
CA ALA D 49 -20.93 10.86 -12.32
C ALA D 49 -20.61 10.56 -10.87
N ALA D 50 -19.32 10.55 -10.54
CA ALA D 50 -18.90 10.07 -9.23
C ALA D 50 -17.76 10.92 -8.71
N ALA D 51 -17.99 11.59 -7.58
CA ALA D 51 -16.96 12.34 -6.89
C ALA D 51 -16.67 11.60 -5.59
N THR D 52 -15.45 11.08 -5.47
CA THR D 52 -15.06 10.24 -4.34
C THR D 52 -13.81 10.80 -3.69
N GLY D 53 -13.82 10.88 -2.36
CA GLY D 53 -12.66 11.37 -1.64
C GLY D 53 -13.00 12.47 -0.66
N PHE D 54 -12.24 13.56 -0.72
CA PHE D 54 -12.57 14.80 -0.02
C PHE D 54 -13.15 15.77 -1.03
N VAL D 55 -14.39 16.20 -0.80
CA VAL D 55 -15.09 17.05 -1.75
C VAL D 55 -15.29 18.47 -1.22
N LYS D 56 -15.70 18.64 0.04
CA LYS D 56 -15.97 19.95 0.62
C LYS D 56 -16.99 20.75 -0.20
N GLU E 21 15.37 -22.29 2.57
CA GLU E 21 15.29 -22.47 4.02
C GLU E 21 15.69 -21.18 4.72
N GLN E 22 14.74 -20.28 4.87
CA GLN E 22 14.98 -18.94 5.38
C GLN E 22 14.65 -18.87 6.86
N VAL E 23 15.44 -18.08 7.60
CA VAL E 23 15.29 -17.99 9.05
C VAL E 23 15.59 -16.57 9.50
N THR E 24 14.76 -16.08 10.42
CA THR E 24 14.96 -14.77 11.03
C THR E 24 15.26 -14.94 12.51
N ASN E 25 16.33 -14.30 12.97
CA ASN E 25 16.69 -14.25 14.39
C ASN E 25 16.83 -12.79 14.78
N VAL E 26 15.94 -12.31 15.63
CA VAL E 26 16.01 -10.94 16.15
C VAL E 26 16.54 -11.02 17.57
N GLY E 27 17.75 -10.51 17.79
CA GLY E 27 18.36 -10.63 19.10
C GLY E 27 17.69 -9.76 20.15
N GLY E 28 17.83 -8.44 20.03
CA GLY E 28 17.36 -7.56 21.07
C GLY E 28 15.96 -7.03 20.87
N ALA E 29 15.70 -6.41 19.72
CA ALA E 29 14.36 -5.90 19.38
C ALA E 29 13.82 -4.96 20.45
N VAL E 30 14.53 -3.85 20.68
CA VAL E 30 14.13 -2.86 21.66
C VAL E 30 13.93 -1.54 20.95
N VAL E 31 12.68 -1.11 20.81
CA VAL E 31 12.33 0.15 20.16
C VAL E 31 11.45 0.92 21.13
N THR E 32 12.03 1.96 21.75
CA THR E 32 11.43 2.52 22.96
C THR E 32 10.06 3.13 22.70
N GLY E 33 10.01 4.23 21.95
CA GLY E 33 8.75 4.92 21.75
C GLY E 33 8.52 5.27 20.30
N VAL E 34 7.49 4.69 19.70
CA VAL E 34 7.27 4.80 18.26
C VAL E 34 5.83 5.17 17.97
N THR E 35 5.62 5.76 16.80
CA THR E 35 4.32 5.76 16.15
C THR E 35 4.52 5.23 14.74
N ALA E 36 3.61 4.38 14.31
CA ALA E 36 3.73 3.75 13.01
C ALA E 36 2.35 3.70 12.38
N VAL E 37 2.30 3.78 11.06
CA VAL E 37 1.02 3.87 10.35
C VAL E 37 1.22 3.44 8.90
N ALA E 38 0.31 2.62 8.40
CA ALA E 38 0.27 2.27 7.01
C ALA E 38 -1.16 2.35 6.51
N GLN E 39 -1.31 2.51 5.20
CA GLN E 39 -2.64 2.49 4.60
C GLN E 39 -2.50 2.21 3.11
N LYS E 40 -3.53 1.54 2.57
CA LYS E 40 -3.67 1.41 1.13
C LYS E 40 -5.03 1.95 0.74
N THR E 41 -5.07 2.76 -0.31
CA THR E 41 -6.32 3.32 -0.82
C THR E 41 -6.41 3.05 -2.31
N VAL E 42 -7.53 2.50 -2.74
CA VAL E 42 -7.81 2.29 -4.15
C VAL E 42 -9.08 3.05 -4.49
N GLU E 43 -8.98 3.95 -5.47
CA GLU E 43 -10.11 4.77 -5.95
C GLU E 43 -10.71 5.58 -4.79
N GLY E 44 -9.89 6.50 -4.28
CA GLY E 44 -10.38 7.38 -3.25
C GLY E 44 -9.39 8.46 -2.85
N ALA E 45 -9.32 8.75 -1.56
CA ALA E 45 -8.36 9.72 -1.05
C ALA E 45 -8.09 9.40 0.41
N GLY E 46 -6.84 9.53 0.82
CA GLY E 46 -6.49 9.34 2.22
C GLY E 46 -5.25 10.09 2.63
N SER E 47 -5.39 10.99 3.61
CA SER E 47 -4.28 11.81 4.07
C SER E 47 -4.13 11.63 5.57
N ILE E 48 -2.90 11.47 6.02
CA ILE E 48 -2.60 11.19 7.41
C ILE E 48 -1.57 12.18 7.94
N ALA E 49 -1.55 12.36 9.26
CA ALA E 49 -0.57 13.23 9.88
C ALA E 49 -0.25 12.66 11.26
N ALA E 50 1.03 12.41 11.51
CA ALA E 50 1.46 11.77 12.74
C ALA E 50 2.62 12.56 13.35
N ALA E 51 2.82 12.38 14.65
CA ALA E 51 3.90 13.07 15.35
C ALA E 51 4.18 12.38 16.67
N THR E 52 5.45 12.35 17.05
CA THR E 52 5.87 11.77 18.31
C THR E 52 6.43 12.84 19.24
N GLY E 53 6.25 12.61 20.53
CA GLY E 53 6.87 13.44 21.55
C GLY E 53 7.65 12.58 22.53
N PHE E 54 8.96 12.74 22.56
CA PHE E 54 9.81 11.90 23.39
C PHE E 54 10.79 12.76 24.17
N VAL E 55 10.89 12.51 25.47
CA VAL E 55 11.86 13.15 26.34
C VAL E 55 12.38 12.09 27.30
N LYS E 56 13.68 11.78 27.20
CA LYS E 56 14.35 10.81 28.06
C LYS E 56 15.40 11.58 28.83
N LYS E 57 15.00 12.13 29.98
CA LYS E 57 15.88 13.02 30.73
C LYS E 57 17.12 12.29 31.22
N ASP E 58 16.93 11.31 32.10
CA ASP E 58 18.04 10.54 32.67
C ASP E 58 19.06 11.46 33.33
N GLU F 6 -11.14 -16.88 -24.67
CA GLU F 6 -11.29 -15.49 -25.06
C GLU F 6 -10.54 -14.59 -24.10
N GLY F 7 -10.11 -15.17 -22.98
CA GLY F 7 -9.34 -14.41 -22.00
C GLY F 7 -10.11 -13.22 -21.48
N VAL F 8 -9.49 -12.05 -21.55
CA VAL F 8 -10.10 -10.80 -21.09
C VAL F 8 -10.05 -9.81 -22.24
N VAL F 9 -11.14 -9.06 -22.42
CA VAL F 9 -11.24 -8.16 -23.57
C VAL F 9 -10.79 -6.76 -23.17
N HIS F 10 -11.49 -6.13 -22.26
CA HIS F 10 -11.12 -4.78 -21.84
C HIS F 10 -10.54 -4.73 -20.44
N GLY F 11 -10.99 -5.60 -19.55
CA GLY F 11 -10.44 -5.62 -18.21
C GLY F 11 -9.05 -6.22 -18.16
N VAL F 12 -8.51 -6.30 -16.96
CA VAL F 12 -7.16 -6.84 -16.79
C VAL F 12 -7.23 -8.24 -16.20
N ALA F 13 -6.14 -8.97 -16.34
CA ALA F 13 -6.05 -10.36 -15.88
C ALA F 13 -4.90 -10.50 -14.90
N THR F 14 -5.18 -11.14 -13.76
CA THR F 14 -4.16 -11.34 -12.74
C THR F 14 -4.30 -12.72 -12.12
N VAL F 15 -3.17 -13.38 -11.93
CA VAL F 15 -3.10 -14.66 -11.23
C VAL F 15 -1.95 -14.58 -10.23
N ALA F 16 -2.17 -15.13 -9.04
CA ALA F 16 -1.15 -15.17 -8.00
C ALA F 16 -1.29 -16.48 -7.23
N GLU F 17 -0.17 -17.02 -6.78
CA GLU F 17 -0.16 -18.20 -5.92
C GLU F 17 0.67 -17.91 -4.69
N LYS F 18 0.11 -18.21 -3.52
CA LYS F 18 0.79 -18.01 -2.24
C LYS F 18 1.26 -19.37 -1.74
N THR F 19 2.52 -19.71 -2.01
CA THR F 19 3.06 -20.97 -1.53
C THR F 19 3.43 -20.88 -0.05
N LYS F 20 4.36 -19.98 0.27
CA LYS F 20 4.83 -19.82 1.64
C LYS F 20 5.23 -18.36 1.87
N GLU F 21 4.57 -17.69 2.80
CA GLU F 21 4.95 -16.35 3.21
C GLU F 21 4.76 -16.20 4.71
N GLN F 22 5.73 -15.56 5.36
CA GLN F 22 5.68 -15.30 6.79
C GLN F 22 5.80 -13.79 7.00
N VAL F 23 4.87 -13.24 7.78
CA VAL F 23 4.93 -11.86 8.22
C VAL F 23 4.79 -11.85 9.74
N THR F 24 5.81 -11.35 10.43
CA THR F 24 5.77 -11.14 11.87
C THR F 24 5.78 -9.64 12.11
N ASN F 25 4.88 -9.16 12.96
CA ASN F 25 4.71 -7.75 13.23
C ASN F 25 4.64 -7.56 14.74
N VAL F 26 5.69 -6.98 15.32
CA VAL F 26 5.72 -6.77 16.76
C VAL F 26 5.70 -5.28 17.10
N GLY F 27 6.46 -4.48 16.36
CA GLY F 27 6.61 -3.09 16.72
C GLY F 27 6.01 -2.07 15.77
N GLY F 28 4.82 -2.36 15.25
CA GLY F 28 4.23 -1.45 14.27
C GLY F 28 2.96 -2.03 13.69
N ALA F 29 2.61 -1.55 12.49
CA ALA F 29 1.38 -1.96 11.84
C ALA F 29 1.68 -2.45 10.44
N VAL F 30 0.91 -3.45 10.01
CA VAL F 30 1.09 -4.04 8.69
C VAL F 30 -0.27 -4.18 8.03
N VAL F 31 -0.34 -3.81 6.76
CA VAL F 31 -1.52 -4.03 5.93
C VAL F 31 -1.09 -4.69 4.63
N THR F 32 -1.83 -5.72 4.22
CA THR F 32 -1.49 -6.44 3.01
C THR F 32 -2.77 -6.95 2.38
N GLY F 33 -2.72 -7.25 1.08
CA GLY F 33 -3.92 -7.73 0.42
C GLY F 33 -3.69 -8.37 -0.93
N VAL F 34 -4.69 -9.12 -1.41
CA VAL F 34 -4.61 -9.80 -2.69
C VAL F 34 -5.53 -9.14 -3.70
N THR F 35 -5.00 -8.21 -4.50
CA THR F 35 -5.66 -7.72 -5.70
C THR F 35 -7.02 -7.05 -5.43
N ALA F 36 -7.00 -5.86 -4.82
CA ALA F 36 -8.16 -5.00 -4.86
C ALA F 36 -8.22 -4.26 -6.19
N VAL F 37 -9.43 -4.03 -6.69
CA VAL F 37 -9.58 -3.51 -8.05
C VAL F 37 -10.49 -2.28 -8.05
N ALA F 38 -10.26 -1.40 -9.01
CA ALA F 38 -11.10 -0.23 -9.27
C ALA F 38 -11.27 -0.09 -10.76
N GLN F 39 -12.52 -0.05 -11.23
CA GLN F 39 -12.77 -0.11 -12.66
C GLN F 39 -13.96 0.77 -13.04
N LYS F 40 -13.75 1.64 -14.02
CA LYS F 40 -14.84 2.34 -14.71
C LYS F 40 -14.69 2.11 -16.20
N THR F 41 -15.80 1.77 -16.88
CA THR F 41 -15.76 1.50 -18.31
C THR F 41 -17.09 1.88 -18.94
N VAL F 42 -17.04 2.19 -20.25
CA VAL F 42 -18.23 2.40 -21.05
C VAL F 42 -18.06 1.65 -22.37
N GLU F 43 -19.17 1.28 -22.99
CA GLU F 43 -19.16 0.59 -24.28
C GLU F 43 -19.51 1.52 -25.43
N GLY F 44 -20.69 2.13 -25.39
CA GLY F 44 -21.15 2.95 -26.49
C GLY F 44 -21.31 4.41 -26.15
N ALA F 45 -22.43 5.00 -26.56
CA ALA F 45 -22.67 6.42 -26.32
C ALA F 45 -22.97 6.66 -24.85
N GLY F 46 -21.92 6.90 -24.06
CA GLY F 46 -22.10 7.10 -22.64
C GLY F 46 -21.06 8.08 -22.14
N SER F 47 -21.03 8.22 -20.82
CA SER F 47 -20.12 9.19 -20.20
C SER F 47 -19.85 8.79 -18.77
N ILE F 48 -18.59 8.86 -18.36
CA ILE F 48 -18.19 8.72 -16.98
C ILE F 48 -17.41 9.98 -16.63
N ALA F 49 -17.89 10.73 -15.63
CA ALA F 49 -17.21 11.91 -15.13
C ALA F 49 -16.91 11.71 -13.66
N ALA F 50 -15.63 11.69 -13.30
CA ALA F 50 -15.25 11.29 -11.97
C ALA F 50 -14.08 12.12 -11.47
N ALA F 51 -14.28 12.81 -10.35
CA ALA F 51 -13.21 13.57 -9.71
C ALA F 51 -12.93 12.89 -8.37
N THR F 52 -11.80 12.21 -8.28
CA THR F 52 -11.44 11.42 -7.11
C THR F 52 -10.17 11.98 -6.48
N GLY F 53 -10.21 12.23 -5.18
CA GLY F 53 -9.05 12.73 -4.47
C GLY F 53 -9.39 13.84 -3.50
N PHE F 54 -8.62 14.91 -3.53
CA PHE F 54 -8.94 16.14 -2.83
C PHE F 54 -9.56 17.11 -3.84
N VAL F 55 -10.82 17.47 -3.63
CA VAL F 55 -11.55 18.28 -4.58
C VAL F 55 -11.78 19.71 -4.08
N LYS F 56 -12.10 19.89 -2.80
CA LYS F 56 -12.31 21.21 -2.21
C LYS F 56 -13.37 22.01 -2.97
N GLU G 21 19.77 -20.94 1.28
CA GLU G 21 19.52 -20.80 2.71
C GLU G 21 19.84 -19.38 3.17
N GLN G 22 18.81 -18.54 3.29
CA GLN G 22 18.96 -17.16 3.71
C GLN G 22 18.69 -17.03 5.20
N VAL G 23 19.43 -16.16 5.87
CA VAL G 23 19.34 -16.00 7.30
C VAL G 23 19.62 -14.55 7.67
N THR G 24 18.79 -14.00 8.55
CA THR G 24 19.01 -12.66 9.10
C THR G 24 19.20 -12.78 10.61
N ASN G 25 20.26 -12.16 11.12
CA ASN G 25 20.52 -12.09 12.55
C ASN G 25 20.61 -10.62 12.93
N VAL G 26 19.70 -10.15 13.77
CA VAL G 26 19.73 -8.78 14.28
C VAL G 26 20.28 -8.84 15.70
N GLY G 27 21.47 -8.28 15.90
CA GLY G 27 22.08 -8.35 17.22
C GLY G 27 21.40 -7.46 18.25
N GLY G 28 21.51 -6.14 18.08
CA GLY G 28 21.00 -5.24 19.09
C GLY G 28 19.59 -4.73 18.86
N ALA G 29 19.34 -4.14 17.70
CA ALA G 29 18.01 -3.64 17.33
C ALA G 29 17.48 -2.65 18.37
N VAL G 30 18.17 -1.54 18.54
CA VAL G 30 17.79 -0.52 19.52
C VAL G 30 17.57 0.79 18.77
N VAL G 31 16.30 1.20 18.65
CA VAL G 31 15.94 2.47 18.03
C VAL G 31 15.08 3.23 19.03
N THR G 32 15.56 4.39 19.47
CA THR G 32 14.98 5.02 20.66
C THR G 32 13.66 5.72 20.34
N GLY G 33 13.71 6.77 19.51
CA GLY G 33 12.52 7.55 19.25
C GLY G 33 12.25 7.69 17.76
N VAL G 34 11.15 7.11 17.29
CA VAL G 34 10.94 6.95 15.86
C VAL G 34 9.49 7.25 15.51
N THR G 35 9.30 7.89 14.36
CA THR G 35 8.02 7.85 13.66
C THR G 35 8.25 7.21 12.30
N ALA G 36 7.36 6.31 11.92
CA ALA G 36 7.48 5.61 10.66
C ALA G 36 6.12 5.57 10.00
N VAL G 37 6.11 5.64 8.68
CA VAL G 37 4.88 5.71 7.90
C VAL G 37 5.13 5.21 6.50
N ALA G 38 4.25 4.35 6.02
CA ALA G 38 4.21 3.96 4.62
C ALA G 38 2.77 4.01 4.14
N GLN G 39 2.58 4.24 2.86
CA GLN G 39 1.24 4.21 2.29
C GLN G 39 1.33 3.90 0.81
N LYS G 40 0.28 3.28 0.29
CA LYS G 40 0.15 3.06 -1.14
C LYS G 40 -1.20 3.60 -1.58
N THR G 41 -1.21 4.33 -2.69
CA THR G 41 -2.44 4.88 -3.24
C THR G 41 -2.50 4.60 -4.73
N VAL G 42 -3.60 4.02 -5.17
CA VAL G 42 -3.87 3.81 -6.59
C VAL G 42 -5.16 4.54 -6.93
N GLU G 43 -5.08 5.42 -7.93
CA GLU G 43 -6.23 6.20 -8.42
C GLU G 43 -6.83 7.03 -7.29
N GLY G 44 -6.03 7.99 -6.83
CA GLY G 44 -6.52 8.91 -5.83
C GLY G 44 -5.53 9.97 -5.43
N ALA G 45 -5.45 10.28 -4.14
CA ALA G 45 -4.44 11.20 -3.64
C ALA G 45 -4.22 10.91 -2.17
N GLY G 46 -3.00 11.15 -1.71
CA GLY G 46 -2.69 10.94 -0.30
C GLY G 46 -1.48 11.71 0.15
N SER G 47 -1.62 12.51 1.21
CA SER G 47 -0.53 13.32 1.72
C SER G 47 -0.35 13.03 3.20
N ILE G 48 0.88 12.68 3.59
CA ILE G 48 1.21 12.38 4.97
C ILE G 48 2.28 13.34 5.44
N ALA G 49 2.21 13.73 6.71
CA ALA G 49 3.16 14.69 7.28
C ALA G 49 3.47 14.26 8.70
N ALA G 50 4.75 14.07 9.02
CA ALA G 50 5.15 13.51 10.29
C ALA G 50 6.25 14.37 10.89
N ALA G 51 6.38 14.29 12.21
CA ALA G 51 7.40 15.05 12.92
C ALA G 51 7.72 14.38 14.24
N THR G 52 8.99 14.41 14.61
CA THR G 52 9.45 13.83 15.86
C THR G 52 9.89 14.93 16.83
N GLY G 53 9.62 14.69 18.10
CA GLY G 53 10.18 15.52 19.15
C GLY G 53 10.98 14.68 20.11
N PHE G 54 12.30 14.85 20.12
CA PHE G 54 13.17 14.06 20.97
C PHE G 54 14.13 14.98 21.70
N VAL G 55 14.23 14.80 23.02
CA VAL G 55 15.20 15.49 23.84
C VAL G 55 15.72 14.52 24.88
N LYS G 56 17.03 14.27 24.86
CA LYS G 56 17.69 13.40 25.82
C LYS G 56 18.64 14.28 26.63
N LYS G 57 18.11 14.88 27.69
CA LYS G 57 18.85 15.90 28.43
C LYS G 57 20.11 15.33 29.07
N ASP G 58 19.94 14.40 30.01
CA ASP G 58 21.06 13.85 30.78
C ASP G 58 21.90 14.95 31.42
N GLU H 6 -6.99 -15.85 -26.66
CA GLU H 6 -7.18 -14.47 -27.11
C GLU H 6 -6.40 -13.53 -26.20
N GLY H 7 -5.94 -14.07 -25.07
CA GLY H 7 -5.11 -13.29 -24.16
C GLY H 7 -5.86 -12.10 -23.61
N VAL H 8 -5.22 -10.92 -23.71
CA VAL H 8 -5.81 -9.67 -23.24
C VAL H 8 -5.78 -8.69 -24.40
N VAL H 9 -6.87 -7.94 -24.58
CA VAL H 9 -7.01 -7.08 -25.74
C VAL H 9 -6.61 -5.65 -25.37
N HIS H 10 -7.34 -5.04 -24.45
CA HIS H 10 -6.98 -3.71 -24.00
C HIS H 10 -6.46 -3.68 -22.57
N GLY H 11 -6.94 -4.57 -21.71
CA GLY H 11 -6.42 -4.64 -20.36
C GLY H 11 -5.01 -5.19 -20.32
N VAL H 12 -4.50 -5.34 -19.11
CA VAL H 12 -3.13 -5.82 -18.94
C VAL H 12 -3.14 -7.19 -18.26
N ALA H 13 -2.06 -7.94 -18.46
CA ALA H 13 -1.94 -9.29 -17.92
C ALA H 13 -0.77 -9.33 -16.96
N THR H 14 -1.03 -9.87 -15.77
CA THR H 14 -0.01 -10.01 -14.74
C THR H 14 -0.13 -11.37 -14.07
N VAL H 15 0.99 -12.05 -13.90
CA VAL H 15 1.07 -13.31 -13.18
C VAL H 15 2.22 -13.21 -12.19
N ALA H 16 1.99 -13.71 -10.97
CA ALA H 16 3.02 -13.72 -9.95
C ALA H 16 2.85 -14.99 -9.12
N GLU H 17 3.96 -15.52 -8.62
CA GLU H 17 3.93 -16.67 -7.73
C GLU H 17 4.78 -16.37 -6.51
N LYS H 18 4.18 -16.51 -5.32
CA LYS H 18 4.84 -16.26 -4.06
C LYS H 18 5.32 -17.58 -3.50
N THR H 19 6.59 -17.92 -3.75
CA THR H 19 7.12 -19.19 -3.26
C THR H 19 7.49 -19.08 -1.79
N LYS H 20 8.43 -18.20 -1.45
CA LYS H 20 8.91 -18.04 -0.08
C LYS H 20 9.29 -16.59 0.13
N GLU H 21 8.63 -15.92 1.08
CA GLU H 21 8.97 -14.55 1.43
C GLU H 21 8.87 -14.36 2.93
N GLN H 22 9.89 -13.70 3.49
CA GLN H 22 9.93 -13.40 4.92
C GLN H 22 10.01 -11.90 5.09
N VAL H 23 9.00 -11.32 5.72
CA VAL H 23 9.02 -9.93 6.15
C VAL H 23 8.82 -9.90 7.66
N THR H 24 9.79 -9.35 8.37
CA THR H 24 9.73 -9.19 9.82
C THR H 24 9.59 -7.70 10.12
N ASN H 25 8.50 -7.33 10.76
CA ASN H 25 8.16 -5.94 11.00
C ASN H 25 8.28 -5.66 12.49
N VAL H 26 9.39 -5.06 12.90
CA VAL H 26 9.64 -4.79 14.30
C VAL H 26 9.91 -3.31 14.56
N GLY H 27 10.72 -2.67 13.72
CA GLY H 27 11.06 -1.29 13.97
C GLY H 27 10.24 -0.24 13.24
N GLY H 28 8.95 -0.50 13.01
CA GLY H 28 8.14 0.45 12.27
C GLY H 28 6.93 -0.22 11.65
N ALA H 29 6.51 0.32 10.50
CA ALA H 29 5.28 -0.12 9.84
C ALA H 29 5.59 -0.54 8.40
N VAL H 30 4.72 -1.39 7.86
CA VAL H 30 4.92 -1.95 6.52
C VAL H 30 3.56 -2.12 5.85
N VAL H 31 3.52 -1.88 4.54
CA VAL H 31 2.35 -2.13 3.71
C VAL H 31 2.80 -2.80 2.43
N THR H 32 2.07 -3.83 2.02
CA THR H 32 2.43 -4.55 0.80
C THR H 32 1.17 -5.14 0.19
N GLY H 33 1.20 -5.37 -1.12
CA GLY H 33 0.04 -5.91 -1.78
C GLY H 33 0.32 -6.68 -3.06
N VAL H 34 -0.67 -7.45 -3.52
CA VAL H 34 -0.54 -8.20 -4.76
C VAL H 34 -1.46 -7.63 -5.82
N THR H 35 -0.93 -6.72 -6.65
CA THR H 35 -1.60 -6.29 -7.89
C THR H 35 -2.96 -5.65 -7.65
N ALA H 36 -2.98 -4.45 -7.07
CA ALA H 36 -4.18 -3.63 -7.13
C ALA H 36 -4.23 -2.88 -8.46
N VAL H 37 -5.43 -2.71 -9.00
CA VAL H 37 -5.59 -2.21 -10.37
C VAL H 37 -6.56 -1.05 -10.41
N ALA H 38 -6.34 -0.14 -11.36
CA ALA H 38 -7.23 0.97 -11.66
C ALA H 38 -7.40 1.04 -13.17
N GLN H 39 -8.63 1.16 -13.65
CA GLN H 39 -8.89 1.05 -15.08
C GLN H 39 -10.07 1.90 -15.50
N LYS H 40 -9.85 2.77 -16.48
CA LYS H 40 -10.93 3.46 -17.19
C LYS H 40 -10.75 3.26 -18.69
N THR H 41 -11.74 2.67 -19.36
CA THR H 41 -11.66 2.41 -20.78
C THR H 41 -12.99 2.72 -21.45
N VAL H 42 -12.94 2.88 -22.78
CA VAL H 42 -14.14 3.08 -23.59
C VAL H 42 -13.99 2.27 -24.88
N GLU H 43 -15.12 1.85 -25.44
CA GLU H 43 -15.14 1.16 -26.74
C GLU H 43 -15.50 2.12 -27.87
N GLY H 44 -16.68 2.70 -27.82
CA GLY H 44 -17.15 3.53 -28.93
C GLY H 44 -17.25 5.00 -28.59
N ALA H 45 -18.12 5.71 -29.30
CA ALA H 45 -18.29 7.15 -29.07
C ALA H 45 -18.72 7.40 -27.63
N GLY H 46 -17.83 8.02 -26.86
CA GLY H 46 -18.10 8.23 -25.45
C GLY H 46 -17.05 9.15 -24.87
N SER H 47 -17.08 9.28 -23.54
CA SER H 47 -16.18 10.21 -22.89
C SER H 47 -16.00 9.82 -21.43
N ILE H 48 -14.76 9.58 -21.04
CA ILE H 48 -14.37 9.51 -19.64
C ILE H 48 -13.61 10.78 -19.33
N ALA H 49 -14.14 11.58 -18.42
CA ALA H 49 -13.51 12.83 -18.01
C ALA H 49 -13.24 12.76 -16.52
N ALA H 50 -11.97 12.81 -16.14
CA ALA H 50 -11.60 12.52 -14.76
C ALA H 50 -10.47 13.43 -14.32
N ALA H 51 -10.56 13.93 -13.09
CA ALA H 51 -9.49 14.72 -12.48
C ALA H 51 -9.22 14.08 -11.11
N THR H 52 -8.04 13.48 -10.97
CA THR H 52 -7.70 12.70 -9.79
C THR H 52 -6.45 13.29 -9.14
N GLY H 53 -6.54 13.55 -7.84
CA GLY H 53 -5.40 14.08 -7.11
C GLY H 53 -5.78 15.18 -6.15
N PHE H 54 -5.10 16.32 -6.26
CA PHE H 54 -5.46 17.52 -5.53
C PHE H 54 -6.06 18.50 -6.53
N VAL H 55 -7.34 18.84 -6.34
CA VAL H 55 -8.04 19.69 -7.29
C VAL H 55 -8.20 21.12 -6.79
N LYS H 56 -8.53 21.32 -5.51
CA LYS H 56 -8.71 22.65 -4.93
C LYS H 56 -9.78 23.46 -5.67
N GLU I 21 23.86 -19.22 -0.04
CA GLU I 21 23.60 -18.86 1.35
C GLU I 21 23.84 -17.38 1.61
N GLN I 22 22.77 -16.60 1.66
CA GLN I 22 22.86 -15.17 1.92
C GLN I 22 22.53 -14.89 3.37
N VAL I 23 23.43 -14.20 4.06
CA VAL I 23 23.30 -13.96 5.49
C VAL I 23 23.52 -12.48 5.77
N THR I 24 22.85 -11.98 6.81
CA THR I 24 23.10 -10.64 7.32
C THR I 24 23.13 -10.68 8.84
N ASN I 25 24.17 -10.08 9.42
CA ASN I 25 24.32 -9.97 10.87
C ASN I 25 24.42 -8.48 11.20
N VAL I 26 23.40 -7.96 11.88
CA VAL I 26 23.40 -6.57 12.34
C VAL I 26 23.89 -6.57 13.77
N GLY I 27 25.07 -5.99 14.00
CA GLY I 27 25.66 -6.04 15.33
C GLY I 27 24.97 -5.13 16.32
N GLY I 28 25.13 -3.81 16.14
CA GLY I 28 24.63 -2.88 17.13
C GLY I 28 23.23 -2.36 16.90
N ALA I 29 22.98 -1.78 15.73
CA ALA I 29 21.66 -1.26 15.37
C ALA I 29 21.14 -0.26 16.40
N VAL I 30 21.84 0.86 16.56
CA VAL I 30 21.47 1.87 17.55
C VAL I 30 21.24 3.19 16.80
N VAL I 31 19.99 3.47 16.46
CA VAL I 31 19.60 4.71 15.81
C VAL I 31 18.70 5.48 16.76
N THR I 32 19.09 6.71 17.09
CA THR I 32 18.52 7.36 18.27
C THR I 32 17.17 7.99 17.97
N GLY I 33 17.15 9.01 17.12
CA GLY I 33 15.91 9.71 16.86
C GLY I 33 15.68 9.83 15.36
N VAL I 34 14.60 9.21 14.87
CA VAL I 34 14.42 9.06 13.43
C VAL I 34 13.00 9.46 13.05
N THR I 35 12.88 10.04 11.85
CA THR I 35 11.62 10.07 11.13
C THR I 35 11.84 9.36 9.80
N ALA I 36 10.91 8.46 9.46
CA ALA I 36 11.02 7.72 8.23
C ALA I 36 9.66 7.70 7.55
N VAL I 37 9.63 8.12 6.30
CA VAL I 37 8.39 8.21 5.55
C VAL I 37 8.58 7.52 4.20
N ALA I 38 7.64 6.65 3.86
CA ALA I 38 7.64 5.99 2.56
C ALA I 38 6.23 6.07 1.98
N GLN I 39 6.15 6.13 0.65
CA GLN I 39 4.85 6.08 0.01
C GLN I 39 5.02 5.63 -1.43
N LYS I 40 3.98 5.00 -1.96
CA LYS I 40 3.90 4.69 -3.38
C LYS I 40 2.56 5.19 -3.89
N THR I 41 2.58 5.86 -5.03
CA THR I 41 1.37 6.39 -5.64
C THR I 41 1.37 6.09 -7.13
N VAL I 42 0.28 5.51 -7.61
CA VAL I 42 0.06 5.31 -9.04
C VAL I 42 -1.23 6.02 -9.41
N GLU I 43 -1.15 6.89 -10.42
CA GLU I 43 -2.30 7.64 -10.93
C GLU I 43 -2.94 8.48 -9.82
N GLY I 44 -2.16 9.47 -9.38
CA GLY I 44 -2.69 10.41 -8.41
C GLY I 44 -1.72 11.50 -8.04
N ALA I 45 -1.64 11.81 -6.74
CA ALA I 45 -0.66 12.77 -6.25
C ALA I 45 -0.47 12.53 -4.77
N GLY I 46 0.76 12.73 -4.31
CA GLY I 46 1.05 12.60 -2.90
C GLY I 46 2.23 13.43 -2.47
N SER I 47 2.04 14.31 -1.49
CA SER I 47 3.10 15.17 -0.99
C SER I 47 3.32 14.89 0.47
N ILE I 48 4.58 14.72 0.86
CA ILE I 48 4.94 14.35 2.22
C ILE I 48 5.97 15.36 2.73
N ALA I 49 5.84 15.72 4.01
CA ALA I 49 6.71 16.71 4.61
C ALA I 49 6.97 16.30 6.06
N ALA I 50 8.23 16.04 6.40
CA ALA I 50 8.59 15.54 7.71
C ALA I 50 9.70 16.41 8.28
N ALA I 51 9.80 16.40 9.61
CA ALA I 51 10.83 17.16 10.29
C ALA I 51 11.11 16.55 11.66
N THR I 52 12.38 16.52 12.02
CA THR I 52 12.81 15.93 13.28
C THR I 52 13.32 17.00 14.23
N GLY I 53 13.03 16.81 15.51
CA GLY I 53 13.57 17.68 16.53
C GLY I 53 14.37 16.89 17.56
N PHE I 54 15.68 17.06 17.56
CA PHE I 54 16.56 16.33 18.46
C PHE I 54 17.44 17.32 19.20
N VAL I 55 17.55 17.14 20.52
CA VAL I 55 18.48 17.89 21.34
C VAL I 55 18.97 17.00 22.46
N LYS I 56 20.25 16.67 22.43
CA LYS I 56 20.90 15.87 23.47
C LYS I 56 21.81 16.81 24.24
N LYS I 57 21.25 17.44 25.29
CA LYS I 57 21.96 18.51 25.97
C LYS I 57 23.22 18.01 26.68
N ASP I 58 23.04 17.12 27.66
CA ASP I 58 24.15 16.60 28.45
C ASP I 58 24.99 17.72 29.05
N GLU J 6 -2.92 -14.81 -28.64
CA GLU J 6 -3.07 -13.45 -29.15
C GLU J 6 -2.29 -12.48 -28.26
N GLY J 7 -1.80 -12.99 -27.13
CA GLY J 7 -0.97 -12.17 -26.26
C GLY J 7 -1.69 -10.94 -25.76
N VAL J 8 -1.01 -9.80 -25.85
CA VAL J 8 -1.55 -8.53 -25.39
C VAL J 8 -1.56 -7.58 -26.58
N VAL J 9 -2.67 -6.88 -26.77
CA VAL J 9 -2.81 -6.02 -27.95
C VAL J 9 -2.42 -4.59 -27.59
N HIS J 10 -3.16 -3.98 -26.67
CA HIS J 10 -2.82 -2.62 -26.25
C HIS J 10 -2.33 -2.55 -24.81
N GLY J 11 -2.80 -3.45 -23.95
CA GLY J 11 -2.31 -3.49 -22.59
C GLY J 11 -0.91 -4.06 -22.52
N VAL J 12 -0.39 -4.14 -21.30
CA VAL J 12 0.96 -4.62 -21.11
C VAL J 12 0.95 -5.98 -20.41
N ALA J 13 2.05 -6.70 -20.54
CA ALA J 13 2.20 -8.03 -19.95
C ALA J 13 3.34 -8.02 -18.94
N THR J 14 3.09 -8.57 -17.77
CA THR J 14 4.12 -8.69 -16.74
C THR J 14 3.99 -10.05 -16.08
N VAL J 15 5.12 -10.72 -15.90
CA VAL J 15 5.20 -11.98 -15.17
C VAL J 15 6.31 -11.87 -14.14
N ALA J 16 6.06 -12.39 -12.95
CA ALA J 16 7.07 -12.38 -11.90
C ALA J 16 6.93 -13.65 -11.08
N GLU J 17 8.04 -14.11 -10.51
CA GLU J 17 8.04 -15.23 -9.58
C GLU J 17 8.86 -14.85 -8.35
N LYS J 18 8.20 -14.84 -7.20
CA LYS J 18 8.84 -14.49 -5.93
C LYS J 18 9.33 -15.77 -5.28
N THR J 19 10.55 -16.17 -5.60
CA THR J 19 11.08 -17.43 -5.09
C THR J 19 11.46 -17.29 -3.62
N LYS J 20 12.42 -16.42 -3.32
CA LYS J 20 12.91 -16.22 -1.95
C LYS J 20 13.29 -14.76 -1.77
N GLU J 21 12.60 -14.06 -0.86
CA GLU J 21 12.96 -12.70 -0.52
C GLU J 21 12.91 -12.50 0.99
N GLN J 22 13.92 -11.81 1.51
CA GLN J 22 14.02 -11.49 2.93
C GLN J 22 14.05 -9.98 3.08
N VAL J 23 13.12 -9.45 3.84
CA VAL J 23 13.05 -8.02 4.14
C VAL J 23 12.85 -7.87 5.64
N THR J 24 13.81 -7.24 6.30
CA THR J 24 13.78 -7.02 7.74
C THR J 24 13.54 -5.54 8.01
N ASN J 25 12.44 -5.25 8.68
CA ASN J 25 12.03 -3.88 8.99
C ASN J 25 12.24 -3.65 10.47
N VAL J 26 13.39 -3.06 10.82
CA VAL J 26 13.77 -2.94 12.23
C VAL J 26 14.10 -1.49 12.58
N GLY J 27 14.20 -0.63 11.58
CA GLY J 27 14.55 0.76 11.88
C GLY J 27 13.82 1.84 11.10
N GLY J 28 12.58 1.58 10.70
CA GLY J 28 11.87 2.52 9.84
C GLY J 28 10.60 1.92 9.31
N ALA J 29 10.23 2.34 8.09
CA ALA J 29 9.02 1.83 7.44
C ALA J 29 9.35 1.50 5.99
N VAL J 30 8.67 0.48 5.46
CA VAL J 30 8.86 0.10 4.07
C VAL J 30 7.51 -0.20 3.45
N VAL J 31 7.38 0.10 2.16
CA VAL J 31 6.21 -0.26 1.37
C VAL J 31 6.69 -0.97 0.11
N THR J 32 6.00 -2.05 -0.25
CA THR J 32 6.39 -2.82 -1.42
C THR J 32 5.15 -3.42 -2.04
N GLY J 33 5.23 -3.78 -3.32
CA GLY J 33 4.08 -4.34 -3.97
C GLY J 33 4.37 -5.13 -5.23
N VAL J 34 3.40 -5.93 -5.67
CA VAL J 34 3.53 -6.69 -6.90
C VAL J 34 2.63 -6.11 -7.98
N THR J 35 3.19 -5.21 -8.80
CA THR J 35 2.56 -4.79 -10.05
C THR J 35 1.17 -4.18 -9.86
N ALA J 36 1.10 -2.98 -9.30
CA ALA J 36 -0.11 -2.18 -9.39
C ALA J 36 -0.17 -1.48 -10.75
N VAL J 37 -1.39 -1.36 -11.30
CA VAL J 37 -1.55 -0.85 -12.65
C VAL J 37 -2.66 0.18 -12.71
N ALA J 38 -2.51 1.14 -13.61
CA ALA J 38 -3.51 2.18 -13.88
C ALA J 38 -3.60 2.36 -15.39
N GLN J 39 -4.81 2.33 -15.94
CA GLN J 39 -4.98 2.21 -17.37
C GLN J 39 -6.13 3.04 -17.88
N LYS J 40 -5.89 3.86 -18.90
CA LYS J 40 -6.95 4.57 -19.63
C LYS J 40 -6.74 4.35 -21.12
N THR J 41 -7.70 3.69 -21.76
CA THR J 41 -7.59 3.33 -23.18
C THR J 41 -8.91 3.58 -23.89
N VAL J 42 -8.84 3.73 -25.22
CA VAL J 42 -10.02 3.90 -26.07
C VAL J 42 -9.87 3.03 -27.31
N GLU J 43 -11.00 2.61 -27.88
CA GLU J 43 -11.02 1.89 -29.14
C GLU J 43 -11.29 2.80 -30.33
N GLY J 44 -12.46 3.42 -30.37
CA GLY J 44 -12.84 4.23 -31.51
C GLY J 44 -12.99 5.70 -31.18
N ALA J 45 -13.95 6.36 -31.83
CA ALA J 45 -14.26 7.75 -31.51
C ALA J 45 -14.56 7.88 -30.02
N GLY J 46 -14.01 8.91 -29.40
CA GLY J 46 -14.15 9.05 -27.96
C GLY J 46 -13.07 9.96 -27.43
N SER J 47 -13.14 10.23 -26.14
CA SER J 47 -12.21 11.16 -25.52
C SER J 47 -12.03 10.82 -24.05
N ILE J 48 -10.79 10.63 -23.64
CA ILE J 48 -10.41 10.56 -22.24
C ILE J 48 -9.70 11.86 -21.91
N ALA J 49 -10.29 12.65 -21.03
CA ALA J 49 -9.70 13.90 -20.58
C ALA J 49 -9.35 13.75 -19.10
N ALA J 50 -8.10 14.04 -18.76
CA ALA J 50 -7.62 13.72 -17.42
C ALA J 50 -6.68 14.81 -16.93
N ALA J 51 -6.75 15.08 -15.63
CA ALA J 51 -5.81 15.99 -14.97
C ALA J 51 -5.47 15.37 -13.63
N THR J 52 -4.31 14.72 -13.56
CA THR J 52 -3.90 13.97 -12.39
C THR J 52 -2.66 14.61 -11.77
N GLY J 53 -2.74 14.93 -10.49
CA GLY J 53 -1.63 15.55 -9.81
C GLY J 53 -2.08 16.61 -8.83
N PHE J 54 -1.35 17.72 -8.78
CA PHE J 54 -1.80 18.94 -8.11
C PHE J 54 -2.38 19.87 -9.17
N VAL J 55 -3.64 20.26 -8.99
CA VAL J 55 -4.36 21.01 -10.01
C VAL J 55 -4.63 22.45 -9.60
N LYS J 56 -5.00 22.70 -8.34
CA LYS J 56 -5.27 24.04 -7.85
C LYS J 56 -6.38 24.74 -8.64
N GLY K 27 28.63 -3.91 12.09
CA GLY K 27 29.15 -3.96 13.45
C GLY K 27 28.45 -3.01 14.40
N GLY K 28 28.64 -1.70 14.21
CA GLY K 28 28.16 -0.74 15.18
C GLY K 28 26.78 -0.19 14.93
N ALA K 29 26.57 0.36 13.73
CA ALA K 29 25.26 0.90 13.34
C ALA K 29 24.72 1.90 14.36
N VAL K 30 25.43 3.01 14.53
CA VAL K 30 25.02 4.06 15.45
C VAL K 30 24.79 5.33 14.64
N VAL K 31 23.54 5.79 14.58
CA VAL K 31 23.16 6.97 13.81
C VAL K 31 22.64 8.03 14.78
N THR K 32 23.15 9.25 14.66
CA THR K 32 22.91 10.30 15.65
C THR K 32 21.43 10.70 15.69
N GLY K 33 20.90 11.13 14.56
CA GLY K 33 19.51 11.53 14.46
C GLY K 33 19.20 11.82 13.01
N VAL K 34 18.09 11.29 12.51
CA VAL K 34 17.94 11.13 11.07
C VAL K 34 16.55 11.55 10.64
N THR K 35 16.49 12.20 9.47
CA THR K 35 15.28 12.27 8.67
C THR K 35 15.49 11.37 7.46
N ALA K 36 14.44 10.64 7.10
CA ALA K 36 14.55 9.73 5.97
C ALA K 36 13.25 9.78 5.18
N VAL K 37 13.37 9.97 3.88
CA VAL K 37 12.23 10.11 2.99
C VAL K 37 12.45 9.26 1.75
N ALA K 38 11.43 8.49 1.37
CA ALA K 38 11.45 7.73 0.14
C ALA K 38 10.04 7.67 -0.42
N GLN K 39 9.93 7.84 -1.74
CA GLN K 39 8.63 7.77 -2.38
C GLN K 39 8.81 7.34 -3.82
N LYS K 40 7.82 6.60 -4.32
CA LYS K 40 7.75 6.26 -5.73
C LYS K 40 6.42 6.76 -6.25
N THR K 41 6.44 7.38 -7.44
CA THR K 41 5.23 7.86 -8.08
C THR K 41 5.28 7.51 -9.56
N VAL K 42 4.19 6.94 -10.06
CA VAL K 42 4.02 6.70 -11.48
C VAL K 42 2.73 7.38 -11.92
N GLU K 43 2.85 8.28 -12.90
CA GLU K 43 1.71 9.02 -13.45
C GLU K 43 1.04 9.86 -12.36
N GLY K 44 1.78 10.84 -11.87
CA GLY K 44 1.22 11.80 -10.95
C GLY K 44 2.17 12.91 -10.60
N ALA K 45 2.20 13.29 -9.32
CA ALA K 45 3.17 14.26 -8.83
C ALA K 45 3.37 14.05 -7.35
N GLY K 46 4.60 14.27 -6.89
CA GLY K 46 4.90 14.17 -5.48
C GLY K 46 5.96 15.16 -5.05
N SER K 47 5.78 15.77 -3.88
CA SER K 47 6.70 16.76 -3.37
C SER K 47 7.11 16.41 -1.96
N ILE K 48 8.41 16.27 -1.73
CA ILE K 48 8.97 15.92 -0.44
C ILE K 48 9.65 17.15 0.15
N ALA K 49 9.51 17.34 1.45
CA ALA K 49 10.08 18.51 2.12
C ALA K 49 10.45 18.11 3.54
N ALA K 50 11.73 17.88 3.80
CA ALA K 50 12.19 17.40 5.09
C ALA K 50 13.30 18.29 5.61
N ALA K 51 13.43 18.31 6.94
CA ALA K 51 14.48 19.07 7.61
C ALA K 51 14.63 18.56 9.04
N THR K 52 15.87 18.50 9.50
CA THR K 52 16.18 17.94 10.80
C THR K 52 16.68 19.02 11.75
N GLY K 53 16.35 18.86 13.03
CA GLY K 53 16.84 19.75 14.05
C GLY K 53 17.67 19.02 15.09
N PHE K 54 18.98 19.28 15.11
CA PHE K 54 19.89 18.62 16.03
C PHE K 54 20.77 19.65 16.71
N VAL K 55 20.84 19.59 18.03
CA VAL K 55 21.71 20.44 18.83
C VAL K 55 22.19 19.64 20.02
N GLU L 6 1.06 -14.00 -30.66
CA GLU L 6 1.01 -12.63 -31.17
C GLU L 6 1.81 -11.70 -30.28
N GLY L 7 2.10 -12.16 -29.07
CA GLY L 7 2.93 -11.37 -28.17
C GLY L 7 2.29 -10.06 -27.80
N VAL L 8 3.04 -8.98 -27.98
CA VAL L 8 2.60 -7.63 -27.63
C VAL L 8 2.44 -6.84 -28.93
N VAL L 9 1.41 -6.00 -28.99
CA VAL L 9 1.16 -5.21 -30.19
C VAL L 9 1.47 -3.74 -29.89
N HIS L 10 0.87 -3.19 -28.85
CA HIS L 10 1.12 -1.81 -28.46
C HIS L 10 1.70 -1.68 -27.06
N GLY L 11 1.27 -2.53 -26.13
CA GLY L 11 1.83 -2.50 -24.79
C GLY L 11 3.18 -3.18 -24.73
N VAL L 12 3.81 -3.10 -23.57
CA VAL L 12 5.13 -3.69 -23.38
C VAL L 12 5.01 -4.98 -22.57
N ALA L 13 6.07 -5.78 -22.61
CA ALA L 13 6.14 -7.03 -21.86
C ALA L 13 7.28 -6.97 -20.86
N THR L 14 7.10 -7.62 -19.72
CA THR L 14 8.11 -7.69 -18.68
C THR L 14 8.04 -9.04 -17.99
N VAL L 15 9.19 -9.67 -17.83
CA VAL L 15 9.32 -10.86 -16.99
C VAL L 15 10.47 -10.60 -16.01
N ALA L 16 10.26 -10.95 -14.75
CA ALA L 16 11.30 -10.81 -13.75
C ALA L 16 11.09 -11.86 -12.67
N GLU L 17 12.01 -12.80 -12.58
CA GLU L 17 11.97 -13.86 -11.58
C GLU L 17 12.83 -13.44 -10.40
N LYS L 18 12.20 -13.23 -9.25
CA LYS L 18 12.89 -12.82 -8.03
C LYS L 18 13.32 -14.08 -7.30
N THR L 19 14.57 -14.48 -7.51
CA THR L 19 15.08 -15.73 -6.94
C THR L 19 15.45 -15.58 -5.48
N LYS L 20 16.43 -14.72 -5.19
CA LYS L 20 16.98 -14.58 -3.85
C LYS L 20 17.40 -13.12 -3.63
N GLU L 21 16.75 -12.47 -2.66
CA GLU L 21 17.06 -11.09 -2.31
C GLU L 21 16.88 -10.72 -0.84
N GLN L 22 17.86 -10.02 -0.30
CA GLN L 22 17.81 -9.58 1.08
C GLN L 22 17.91 -8.07 1.11
N VAL L 23 16.97 -7.41 1.79
CA VAL L 23 17.02 -5.97 2.02
C VAL L 23 16.91 -5.74 3.53
N THR L 24 17.84 -4.97 4.06
CA THR L 24 17.94 -4.71 5.50
C THR L 24 17.57 -3.26 5.77
N ASN L 25 16.50 -3.06 6.52
CA ASN L 25 15.96 -1.74 6.82
C ASN L 25 16.34 -1.39 8.26
N VAL L 26 17.39 -0.60 8.43
CA VAL L 26 17.88 -0.25 9.76
C VAL L 26 17.88 1.26 9.99
N GLY L 27 18.63 1.99 9.18
CA GLY L 27 18.81 3.42 9.42
C GLY L 27 17.95 4.36 8.60
N GLY L 28 16.70 3.97 8.32
CA GLY L 28 15.86 4.81 7.49
C GLY L 28 14.65 4.07 6.98
N ALA L 29 14.27 4.37 5.74
CA ALA L 29 13.11 3.79 5.09
C ALA L 29 13.39 3.56 3.61
N VAL L 30 12.72 2.58 3.02
CA VAL L 30 12.89 2.29 1.61
C VAL L 30 11.56 1.89 1.02
N VAL L 31 11.43 2.05 -0.30
CA VAL L 31 10.27 1.62 -1.05
C VAL L 31 10.77 0.97 -2.34
N THR L 32 10.14 -0.13 -2.73
CA THR L 32 10.41 -0.78 -4.00
C THR L 32 9.29 -1.77 -4.29
N GLY L 33 9.11 -2.07 -5.57
CA GLY L 33 8.05 -2.98 -5.95
C GLY L 33 8.34 -3.70 -7.25
N VAL L 34 7.43 -4.58 -7.68
CA VAL L 34 7.65 -5.32 -8.91
C VAL L 34 6.86 -4.69 -10.04
N THR L 35 7.46 -3.71 -10.72
CA THR L 35 7.02 -3.23 -12.02
C THR L 35 5.56 -2.75 -12.01
N ALA L 36 5.30 -1.63 -11.33
CA ALA L 36 4.05 -0.92 -11.52
C ALA L 36 4.08 -0.16 -12.84
N VAL L 37 2.91 -0.01 -13.46
CA VAL L 37 2.83 0.61 -14.79
C VAL L 37 1.53 1.38 -14.91
N ALA L 38 1.56 2.42 -15.76
CA ALA L 38 0.42 3.27 -16.04
C ALA L 38 0.44 3.63 -17.51
N GLN L 39 -0.67 3.34 -18.21
CA GLN L 39 -0.67 3.33 -19.67
C GLN L 39 -1.90 4.02 -20.23
N LYS L 40 -1.71 4.78 -21.32
CA LYS L 40 -2.82 5.30 -22.12
C LYS L 40 -2.47 5.14 -23.60
N THR L 41 -3.36 4.49 -24.35
CA THR L 41 -3.17 4.25 -25.78
C THR L 41 -4.47 4.49 -26.52
N VAL L 42 -4.39 4.55 -27.85
CA VAL L 42 -5.54 4.83 -28.71
C VAL L 42 -5.43 3.97 -29.96
N GLU L 43 -6.59 3.53 -30.48
CA GLU L 43 -6.63 2.76 -31.71
C GLU L 43 -6.88 3.66 -32.93
N GLY L 44 -8.06 4.27 -32.99
CA GLY L 44 -8.43 5.07 -34.14
C GLY L 44 -8.62 6.53 -33.85
N ALA L 45 -9.65 7.13 -34.45
CA ALA L 45 -9.96 8.54 -34.20
C ALA L 45 -10.40 8.71 -32.74
N GLY L 46 -9.84 9.70 -32.08
CA GLY L 46 -10.11 9.89 -30.67
C GLY L 46 -9.15 10.90 -30.10
N SER L 47 -9.11 10.96 -28.76
CA SER L 47 -8.26 11.94 -28.11
C SER L 47 -8.06 11.56 -26.66
N ILE L 48 -6.81 11.58 -26.22
CA ILE L 48 -6.46 11.51 -24.81
C ILE L 48 -5.77 12.82 -24.46
N ALA L 49 -6.50 13.72 -23.80
CA ALA L 49 -5.99 15.02 -23.41
C ALA L 49 -5.74 15.01 -21.91
N ALA L 50 -4.47 15.02 -21.52
CA ALA L 50 -4.11 14.82 -20.12
C ALA L 50 -3.04 15.81 -19.71
N ALA L 51 -3.03 16.17 -18.44
CA ALA L 51 -2.01 17.03 -17.86
C ALA L 51 -1.71 16.50 -16.46
N THR L 52 -0.51 15.95 -16.29
CA THR L 52 -0.13 15.27 -15.07
C THR L 52 1.07 15.96 -14.44
N GLY L 53 0.95 16.30 -13.16
CA GLY L 53 2.03 16.95 -12.45
C GLY L 53 1.55 18.02 -11.50
N PHE L 54 2.14 19.21 -11.59
CA PHE L 54 1.64 20.42 -10.94
C PHE L 54 0.99 21.29 -11.99
N VAL L 55 -0.28 21.62 -11.79
CA VAL L 55 -1.05 22.32 -12.82
C VAL L 55 -1.33 23.77 -12.47
N LYS L 56 -1.61 24.08 -11.20
CA LYS L 56 -1.89 25.45 -10.77
C LYS L 56 -3.10 26.03 -11.52
#